data_2GQP
#
_entry.id   2GQP
#
_cell.length_a   65.690
_cell.length_b   84.840
_cell.length_c   95.740
_cell.angle_alpha   90.00
_cell.angle_beta   90.00
_cell.angle_gamma   90.00
#
_symmetry.space_group_name_H-M   'P 21 21 21'
#
loop_
_entity.id
_entity.type
_entity.pdbx_description
1 polymer Endoplasmin
2 non-polymer 'MAGNESIUM ION'
3 non-polymer 'N-PROPYL CARBOXYAMIDO ADENOSINE'
4 non-polymer 'TETRAETHYLENE GLYCOL'
5 non-polymer 'PENTAETHYLENE GLYCOL'
6 water water
#
_entity_poly.entity_id   1
_entity_poly.type   'polypeptide(L)'
_entity_poly.pdbx_seq_one_letter_code
;GSHMLREKSEKFAFQAEVNRMMKLIINSLYKNKEIFLRELISNASDALDKIRLISLTDENALAGNEELTVKIKCDKEKNL
LHVTDTGVGMTREELVKNLGTIAKSGTSEFLNKMTEAQEDGQSTSELIGQFGVGFYSAFLVADKVIVTSKHNNDTQHIWE
SDSNEFSVIADPRGNTLGRGTTITLVLKEEASDYLELDTIKNLVKKYSQFINFPIYVWSSKTGGGGKTVWDWELMN
;
_entity_poly.pdbx_strand_id   A,B
#
# COMPACT_ATOMS: atom_id res chain seq x y z
N GLY A 1 32.57 -1.13 -5.87
CA GLY A 1 31.21 -1.02 -6.44
C GLY A 1 30.11 -1.42 -5.46
N SER A 2 30.37 -1.22 -4.17
CA SER A 2 29.40 -1.58 -3.13
C SER A 2 28.46 -0.45 -2.72
N HIS A 3 28.65 0.74 -3.27
CA HIS A 3 27.83 1.91 -2.92
C HIS A 3 26.32 1.77 -3.07
N MET A 4 25.89 1.17 -4.19
N MET A 4 25.90 1.16 -4.18
CA MET A 4 24.48 0.99 -4.49
CA MET A 4 24.49 0.97 -4.50
C MET A 4 23.73 0.03 -3.56
C MET A 4 23.74 0.04 -3.54
N LEU A 5 24.33 -1.09 -3.22
CA LEU A 5 23.68 -2.04 -2.32
C LEU A 5 23.71 -1.56 -0.88
N ARG A 6 24.81 -0.92 -0.50
CA ARG A 6 24.94 -0.42 0.86
C ARG A 6 23.98 0.73 1.14
N GLU A 7 23.69 1.54 0.13
CA GLU A 7 22.79 2.68 0.28
C GLU A 7 21.34 2.34 -0.09
N LYS A 8 21.15 1.13 -0.64
CA LYS A 8 19.83 0.65 -1.04
C LYS A 8 19.11 1.54 -2.06
N SER A 9 19.87 2.23 -2.90
CA SER A 9 19.31 3.12 -3.91
C SER A 9 18.47 2.45 -5.00
N GLU A 10 18.36 1.13 -4.94
CA GLU A 10 17.58 0.40 -5.94
C GLU A 10 16.14 0.25 -5.44
N LYS A 11 15.88 0.66 -4.20
CA LYS A 11 14.55 0.57 -3.60
C LYS A 11 13.67 1.83 -3.75
N PHE A 12 12.40 1.62 -4.07
CA PHE A 12 11.45 2.72 -4.25
C PHE A 12 10.06 2.47 -3.63
N ALA A 13 9.33 3.55 -3.36
CA ALA A 13 7.98 3.46 -2.82
C ALA A 13 7.06 3.92 -3.96
N PHE A 14 5.85 3.38 -4.02
CA PHE A 14 4.89 3.78 -5.05
C PHE A 14 4.27 5.10 -4.65
N GLN A 15 3.80 5.84 -5.66
CA GLN A 15 3.14 7.11 -5.43
C GLN A 15 1.80 6.75 -4.80
N ALA A 16 1.27 7.62 -3.95
CA ALA A 16 -0.01 7.34 -3.28
C ALA A 16 -1.14 7.01 -4.25
N GLU A 17 -1.24 7.76 -5.34
CA GLU A 17 -2.28 7.54 -6.33
C GLU A 17 -2.17 6.16 -6.96
N VAL A 18 -0.95 5.66 -7.07
CA VAL A 18 -0.75 4.34 -7.65
C VAL A 18 -1.22 3.27 -6.66
N ASN A 19 -0.98 3.51 -5.37
CA ASN A 19 -1.43 2.54 -4.36
C ASN A 19 -2.96 2.50 -4.41
N ARG A 20 -3.57 3.68 -4.53
CA ARG A 20 -5.03 3.76 -4.60
C ARG A 20 -5.56 3.09 -5.86
N MET A 21 -4.90 3.34 -6.99
N MET A 21 -4.88 3.33 -6.98
CA MET A 21 -5.33 2.74 -8.25
CA MET A 21 -5.27 2.76 -8.26
C MET A 21 -5.21 1.21 -8.22
C MET A 21 -5.19 1.24 -8.23
N MET A 22 -4.11 0.71 -7.65
CA MET A 22 -3.93 -0.74 -7.57
C MET A 22 -5.08 -1.39 -6.82
N LYS A 23 -5.47 -0.78 -5.71
CA LYS A 23 -6.57 -1.31 -4.90
C LYS A 23 -7.89 -1.29 -5.64
N LEU A 24 -8.15 -0.21 -6.37
CA LEU A 24 -9.39 -0.07 -7.12
C LEU A 24 -9.45 -1.15 -8.21
N ILE A 25 -8.38 -1.27 -8.99
CA ILE A 25 -8.32 -2.28 -10.06
C ILE A 25 -8.51 -3.69 -9.50
N ILE A 26 -7.77 -4.01 -8.45
CA ILE A 26 -7.84 -5.33 -7.84
C ILE A 26 -9.22 -5.67 -7.25
N ASN A 27 -9.84 -4.74 -6.53
CA ASN A 27 -11.15 -5.00 -5.94
C ASN A 27 -12.27 -5.14 -6.97
N SER A 28 -12.21 -4.35 -8.03
CA SER A 28 -13.25 -4.37 -9.05
C SER A 28 -13.19 -5.56 -10.02
N LEU A 29 -11.99 -6.06 -10.30
CA LEU A 29 -11.83 -7.18 -11.23
C LEU A 29 -11.71 -8.54 -10.55
N TYR A 30 -11.99 -8.59 -9.26
CA TYR A 30 -11.90 -9.83 -8.47
C TYR A 30 -12.65 -11.03 -9.05
N LYS A 31 -13.76 -10.79 -9.74
CA LYS A 31 -14.55 -11.89 -10.29
C LYS A 31 -14.23 -12.16 -11.76
N ASN A 32 -13.29 -11.40 -12.31
CA ASN A 32 -12.92 -11.55 -13.71
C ASN A 32 -11.40 -11.39 -13.84
N LYS A 33 -10.67 -12.18 -13.06
CA LYS A 33 -9.21 -12.13 -13.02
C LYS A 33 -8.48 -12.37 -14.35
N GLU A 34 -9.03 -13.22 -15.22
CA GLU A 34 -8.36 -13.52 -16.50
C GLU A 34 -8.04 -12.31 -17.37
N ILE A 35 -8.70 -11.19 -17.10
CA ILE A 35 -8.48 -9.97 -17.88
C ILE A 35 -7.03 -9.47 -17.81
N PHE A 36 -6.28 -9.91 -16.80
CA PHE A 36 -4.89 -9.48 -16.68
C PHE A 36 -4.09 -9.81 -17.93
N LEU A 37 -4.32 -10.98 -18.52
CA LEU A 37 -3.58 -11.38 -19.70
C LEU A 37 -3.92 -10.48 -20.89
N ARG A 38 -5.19 -10.12 -21.03
CA ARG A 38 -5.61 -9.26 -22.13
C ARG A 38 -4.85 -7.94 -22.05
N GLU A 39 -4.73 -7.42 -20.84
CA GLU A 39 -4.04 -6.16 -20.62
C GLU A 39 -2.53 -6.21 -20.85
N LEU A 40 -1.89 -7.32 -20.47
CA LEU A 40 -0.45 -7.41 -20.70
C LEU A 40 -0.21 -7.50 -22.21
N ILE A 41 -1.10 -8.20 -22.90
CA ILE A 41 -0.96 -8.34 -24.34
C ILE A 41 -1.20 -6.98 -25.02
N SER A 42 -2.17 -6.22 -24.53
N SER A 42 -2.17 -6.21 -24.54
CA SER A 42 -2.47 -4.92 -25.10
CA SER A 42 -2.45 -4.90 -25.11
C SER A 42 -1.26 -3.99 -24.92
C SER A 42 -1.27 -3.97 -24.92
N ASN A 43 -0.65 -4.04 -23.74
CA ASN A 43 0.51 -3.20 -23.45
C ASN A 43 1.68 -3.60 -24.37
N ALA A 44 1.83 -4.89 -24.62
CA ALA A 44 2.90 -5.37 -25.50
C ALA A 44 2.65 -4.84 -26.91
N SER A 45 1.39 -4.89 -27.34
CA SER A 45 1.03 -4.41 -28.67
C SER A 45 1.39 -2.92 -28.80
N ASP A 46 1.09 -2.16 -27.76
CA ASP A 46 1.39 -0.72 -27.77
C ASP A 46 2.89 -0.49 -27.90
N ALA A 47 3.68 -1.31 -27.20
CA ALA A 47 5.14 -1.17 -27.24
C ALA A 47 5.68 -1.52 -28.62
N LEU A 48 5.02 -2.47 -29.28
CA LEU A 48 5.43 -2.87 -30.62
C LEU A 48 5.07 -1.76 -31.60
N ASP A 49 3.92 -1.11 -31.40
CA ASP A 49 3.53 0.00 -32.28
C ASP A 49 4.56 1.10 -32.17
N LYS A 50 5.02 1.37 -30.95
N LYS A 50 5.02 1.37 -30.96
CA LYS A 50 6.00 2.44 -30.73
CA LYS A 50 6.00 2.42 -30.75
C LYS A 50 7.32 2.20 -31.45
C LYS A 50 7.32 2.19 -31.46
N ILE A 51 7.88 0.99 -31.36
CA ILE A 51 9.15 0.74 -32.04
C ILE A 51 8.95 0.69 -33.55
N ARG A 52 7.76 0.29 -33.99
CA ARG A 52 7.47 0.25 -35.44
C ARG A 52 7.49 1.67 -35.98
N LEU A 53 6.91 2.60 -35.23
CA LEU A 53 6.87 4.01 -35.61
C LEU A 53 8.30 4.56 -35.63
N ILE A 54 9.04 4.29 -34.57
CA ILE A 54 10.42 4.76 -34.49
C ILE A 54 11.26 4.23 -35.64
N SER A 55 10.98 3.00 -36.08
CA SER A 55 11.75 2.41 -37.18
C SER A 55 11.52 3.12 -38.52
N LEU A 56 10.45 3.89 -38.60
CA LEU A 56 10.16 4.62 -39.83
C LEU A 56 11.20 5.73 -40.03
N THR A 57 11.57 6.38 -38.93
CA THR A 57 12.52 7.49 -38.95
C THR A 57 13.93 7.21 -38.42
N ASP A 58 14.11 6.09 -37.74
CA ASP A 58 15.41 5.71 -37.19
C ASP A 58 15.84 4.39 -37.84
N GLU A 59 16.79 4.49 -38.76
CA GLU A 59 17.30 3.33 -39.50
C GLU A 59 17.87 2.19 -38.65
N ASN A 60 18.34 2.52 -37.46
CA ASN A 60 18.92 1.50 -36.59
C ASN A 60 17.99 1.05 -35.47
N ALA A 61 16.73 1.45 -35.55
CA ALA A 61 15.75 1.10 -34.52
C ALA A 61 15.64 -0.38 -34.15
N LEU A 62 15.62 -1.27 -35.13
CA LEU A 62 15.47 -2.71 -34.85
C LEU A 62 16.75 -3.54 -34.75
N ALA A 63 17.90 -2.88 -34.71
CA ALA A 63 19.20 -3.57 -34.63
C ALA A 63 19.37 -4.60 -33.50
N GLY A 64 18.83 -4.30 -32.32
CA GLY A 64 18.98 -5.22 -31.20
C GLY A 64 18.12 -6.47 -31.27
N ASN A 65 17.11 -6.45 -32.14
CA ASN A 65 16.20 -7.58 -32.30
C ASN A 65 15.30 -7.28 -33.50
N GLU A 66 15.51 -8.00 -34.61
CA GLU A 66 14.74 -7.78 -35.83
C GLU A 66 13.25 -8.13 -35.89
N GLU A 67 12.76 -8.96 -34.98
CA GLU A 67 11.35 -9.36 -35.02
C GLU A 67 10.40 -8.46 -34.23
N LEU A 68 9.11 -8.54 -34.55
CA LEU A 68 8.07 -7.78 -33.86
C LEU A 68 7.04 -8.82 -33.45
N THR A 69 7.22 -9.38 -32.25
CA THR A 69 6.35 -10.44 -31.76
C THR A 69 6.06 -10.38 -30.25
N VAL A 70 5.09 -11.19 -29.85
CA VAL A 70 4.74 -11.35 -28.44
C VAL A 70 4.82 -12.86 -28.27
N LYS A 71 5.58 -13.29 -27.28
CA LYS A 71 5.78 -14.71 -27.01
C LYS A 71 5.48 -15.02 -25.55
N ILE A 72 4.61 -15.99 -25.33
CA ILE A 72 4.20 -16.36 -23.98
C ILE A 72 4.66 -17.77 -23.58
N LYS A 73 5.26 -17.85 -22.39
CA LYS A 73 5.79 -19.11 -21.84
C LYS A 73 5.25 -19.47 -20.46
N CYS A 74 4.87 -20.72 -20.28
CA CYS A 74 4.39 -21.19 -18.98
C CYS A 74 5.48 -22.08 -18.39
N ASP A 75 5.94 -21.75 -17.19
CA ASP A 75 6.96 -22.57 -16.53
C ASP A 75 6.27 -23.12 -15.28
N LYS A 76 5.57 -24.24 -15.45
CA LYS A 76 4.85 -24.86 -14.34
C LYS A 76 5.74 -25.25 -13.17
N GLU A 77 6.92 -25.78 -13.46
CA GLU A 77 7.83 -26.20 -12.39
C GLU A 77 8.24 -25.01 -11.52
N LYS A 78 8.55 -23.89 -12.14
CA LYS A 78 8.97 -22.71 -11.39
C LYS A 78 7.81 -21.78 -11.00
N ASN A 79 6.59 -22.17 -11.37
CA ASN A 79 5.39 -21.40 -11.04
C ASN A 79 5.42 -19.99 -11.64
N LEU A 80 5.90 -19.90 -12.87
CA LEU A 80 6.00 -18.60 -13.55
C LEU A 80 5.32 -18.52 -14.91
N LEU A 81 4.79 -17.34 -15.22
CA LEU A 81 4.17 -17.09 -16.52
C LEU A 81 4.94 -15.91 -17.09
N HIS A 82 5.44 -16.07 -18.31
CA HIS A 82 6.22 -15.02 -18.98
C HIS A 82 5.51 -14.48 -20.22
N VAL A 83 5.46 -13.16 -20.35
CA VAL A 83 4.86 -12.53 -21.52
C VAL A 83 5.96 -11.62 -22.06
N THR A 84 6.57 -12.03 -23.17
CA THR A 84 7.68 -11.26 -23.74
C THR A 84 7.38 -10.62 -25.09
N ASP A 85 7.69 -9.32 -25.21
CA ASP A 85 7.49 -8.63 -26.48
C ASP A 85 8.82 -8.06 -26.94
N THR A 86 8.91 -7.76 -28.24
CA THR A 86 10.12 -7.18 -28.78
C THR A 86 9.81 -5.74 -29.17
N GLY A 87 9.04 -5.08 -28.31
CA GLY A 87 8.66 -3.70 -28.53
C GLY A 87 9.77 -2.71 -28.18
N VAL A 88 9.39 -1.48 -27.93
CA VAL A 88 10.35 -0.41 -27.63
C VAL A 88 11.16 -0.58 -26.34
N GLY A 89 10.62 -1.31 -25.36
CA GLY A 89 11.35 -1.48 -24.10
C GLY A 89 11.27 -0.24 -23.22
N MET A 90 11.92 -0.30 -22.05
CA MET A 90 11.93 0.83 -21.13
C MET A 90 13.32 0.99 -20.51
N THR A 91 13.78 2.24 -20.43
CA THR A 91 15.08 2.53 -19.81
C THR A 91 14.87 2.39 -18.31
N ARG A 92 15.97 2.40 -17.55
N ARG A 92 15.96 2.46 -17.54
CA ARG A 92 15.88 2.27 -16.10
CA ARG A 92 15.84 2.37 -16.09
C ARG A 92 15.01 3.36 -15.50
C ARG A 92 14.89 3.46 -15.59
N GLU A 93 15.09 4.56 -16.07
N GLU A 93 15.11 4.69 -16.07
CA GLU A 93 14.32 5.69 -15.59
CA GLU A 93 14.31 5.84 -15.68
C GLU A 93 12.82 5.48 -15.90
C GLU A 93 12.83 5.60 -15.96
N GLU A 94 12.53 4.93 -17.07
CA GLU A 94 11.16 4.66 -17.46
C GLU A 94 10.53 3.57 -16.59
N LEU A 95 11.32 2.59 -16.16
CA LEU A 95 10.77 1.55 -15.30
C LEU A 95 10.29 2.18 -14.00
N VAL A 96 11.11 3.10 -13.47
CA VAL A 96 10.75 3.80 -12.23
C VAL A 96 9.53 4.70 -12.41
N LYS A 97 9.57 5.56 -13.43
CA LYS A 97 8.49 6.50 -13.70
C LYS A 97 7.18 5.91 -14.26
N ASN A 98 7.28 5.16 -15.36
CA ASN A 98 6.09 4.60 -15.99
C ASN A 98 5.32 3.59 -15.13
N LEU A 99 6.02 2.83 -14.31
CA LEU A 99 5.33 1.84 -13.47
C LEU A 99 5.13 2.28 -12.01
N GLY A 100 5.92 3.24 -11.54
CA GLY A 100 5.80 3.69 -10.17
C GLY A 100 5.10 5.01 -9.86
N THR A 101 4.69 5.74 -10.90
CA THR A 101 3.99 7.02 -10.71
C THR A 101 2.88 7.12 -11.76
N ILE A 102 2.01 8.13 -11.63
CA ILE A 102 0.94 8.34 -12.60
C ILE A 102 0.41 9.76 -12.58
N THR A 124 -15.54 -2.82 -14.56
CA THR A 124 -14.61 -1.74 -14.86
C THR A 124 -13.59 -2.15 -15.91
N SER A 125 -13.74 -3.36 -16.45
CA SER A 125 -12.81 -3.87 -17.46
C SER A 125 -12.61 -2.95 -18.67
N GLU A 126 -13.67 -2.28 -19.11
CA GLU A 126 -13.57 -1.40 -20.27
C GLU A 126 -12.74 -0.14 -19.95
N LEU A 127 -13.03 0.48 -18.81
CA LEU A 127 -12.32 1.69 -18.38
C LEU A 127 -10.83 1.45 -18.18
N ILE A 128 -10.51 0.35 -17.51
CA ILE A 128 -9.13 -0.02 -17.25
C ILE A 128 -8.38 -0.16 -18.57
N GLY A 129 -9.03 -0.80 -19.53
CA GLY A 129 -8.42 -0.97 -20.83
C GLY A 129 -8.29 0.33 -21.59
N GLN A 130 -9.29 1.20 -21.47
CA GLN A 130 -9.29 2.48 -22.16
C GLN A 130 -8.19 3.42 -21.69
N PHE A 131 -7.93 3.45 -20.38
CA PHE A 131 -6.92 4.32 -19.82
C PHE A 131 -5.55 3.63 -19.76
N GLY A 132 -5.51 2.39 -20.23
N GLY A 132 -5.49 2.41 -20.24
CA GLY A 132 -4.29 1.61 -20.26
CA GLY A 132 -4.23 1.68 -20.25
C GLY A 132 -3.53 1.36 -18.96
C GLY A 132 -3.51 1.51 -18.92
N VAL A 133 -4.25 1.27 -17.85
CA VAL A 133 -3.64 1.05 -16.53
C VAL A 133 -3.77 -0.41 -16.12
N GLY A 134 -4.02 -1.27 -17.10
CA GLY A 134 -4.21 -2.69 -16.85
C GLY A 134 -3.05 -3.48 -16.27
N PHE A 135 -1.85 -2.93 -16.37
CA PHE A 135 -0.67 -3.61 -15.84
C PHE A 135 -0.90 -4.10 -14.41
N TYR A 136 -1.46 -3.22 -13.57
CA TYR A 136 -1.69 -3.55 -12.18
C TYR A 136 -2.65 -4.71 -11.92
N SER A 137 -3.44 -5.10 -12.93
CA SER A 137 -4.36 -6.21 -12.72
C SER A 137 -3.59 -7.52 -12.60
N ALA A 138 -2.29 -7.47 -12.88
CA ALA A 138 -1.46 -8.66 -12.77
C ALA A 138 -1.44 -9.14 -11.32
N PHE A 139 -1.61 -8.21 -10.38
CA PHE A 139 -1.58 -8.58 -8.98
C PHE A 139 -2.81 -9.40 -8.54
N LEU A 140 -3.79 -9.55 -9.44
CA LEU A 140 -4.97 -10.35 -9.12
C LEU A 140 -4.59 -11.83 -9.09
N VAL A 141 -3.62 -12.19 -9.91
CA VAL A 141 -3.18 -13.58 -10.00
C VAL A 141 -1.73 -13.83 -9.58
N ALA A 142 -0.99 -12.77 -9.25
CA ALA A 142 0.42 -12.92 -8.89
C ALA A 142 0.84 -12.27 -7.56
N ASP A 143 1.70 -12.97 -6.82
CA ASP A 143 2.20 -12.46 -5.55
C ASP A 143 3.36 -11.51 -5.84
N LYS A 144 4.03 -11.74 -6.97
CA LYS A 144 5.13 -10.88 -7.39
C LYS A 144 5.10 -10.68 -8.91
N VAL A 145 5.39 -9.46 -9.33
CA VAL A 145 5.43 -9.12 -10.75
C VAL A 145 6.84 -8.60 -11.03
N ILE A 146 7.48 -9.17 -12.05
CA ILE A 146 8.84 -8.80 -12.42
C ILE A 146 8.83 -8.33 -13.87
N VAL A 147 9.51 -7.22 -14.14
CA VAL A 147 9.59 -6.66 -15.49
C VAL A 147 11.04 -6.52 -15.90
N THR A 148 11.47 -7.33 -16.87
CA THR A 148 12.84 -7.25 -17.37
C THR A 148 12.72 -6.47 -18.67
N SER A 149 13.53 -5.43 -18.86
CA SER A 149 13.38 -4.64 -20.07
C SER A 149 14.68 -4.09 -20.66
N LYS A 150 14.73 -4.02 -21.99
CA LYS A 150 15.90 -3.49 -22.70
C LYS A 150 15.43 -2.49 -23.75
N HIS A 151 15.85 -1.25 -23.58
CA HIS A 151 15.50 -0.15 -24.48
C HIS A 151 16.79 0.19 -25.24
N ASN A 152 16.68 0.67 -26.48
CA ASN A 152 17.87 1.00 -27.25
C ASN A 152 18.80 2.01 -26.56
N ASN A 153 18.23 2.88 -25.74
CA ASN A 153 19.02 3.90 -25.04
C ASN A 153 19.57 3.53 -23.67
N ASP A 154 19.43 2.27 -23.26
CA ASP A 154 19.94 1.88 -21.94
C ASP A 154 20.31 0.40 -21.93
N THR A 155 20.89 -0.05 -20.81
CA THR A 155 21.27 -1.45 -20.65
C THR A 155 20.05 -2.15 -20.05
N GLN A 156 20.05 -3.47 -20.09
CA GLN A 156 18.94 -4.25 -19.56
C GLN A 156 18.79 -4.10 -18.04
N HIS A 157 17.56 -3.84 -17.59
CA HIS A 157 17.26 -3.67 -16.17
C HIS A 157 16.07 -4.53 -15.73
N ILE A 158 15.96 -4.73 -14.42
CA ILE A 158 14.87 -5.53 -13.86
C ILE A 158 14.11 -4.76 -12.78
N TRP A 159 12.79 -4.70 -12.92
CA TRP A 159 11.89 -4.05 -11.97
C TRP A 159 11.15 -5.20 -11.27
N GLU A 160 10.97 -5.11 -9.97
CA GLU A 160 10.25 -6.17 -9.26
C GLU A 160 9.39 -5.59 -8.14
N SER A 161 8.23 -6.20 -7.90
CA SER A 161 7.34 -5.70 -6.86
C SER A 161 6.33 -6.72 -6.34
N ASP A 162 6.03 -6.62 -5.05
CA ASP A 162 5.02 -7.48 -4.43
C ASP A 162 3.83 -6.58 -4.12
N SER A 163 3.89 -5.37 -4.67
CA SER A 163 2.88 -4.30 -4.54
C SER A 163 3.06 -3.38 -3.34
N ASN A 164 3.98 -3.75 -2.44
CA ASN A 164 4.22 -2.96 -1.24
C ASN A 164 5.42 -2.01 -1.33
N GLU A 165 6.13 -2.10 -2.45
CA GLU A 165 7.32 -1.30 -2.75
C GLU A 165 7.82 -1.90 -4.06
N PHE A 166 8.88 -1.33 -4.65
CA PHE A 166 9.44 -1.90 -5.87
C PHE A 166 10.92 -1.57 -5.93
N SER A 167 11.67 -2.37 -6.69
N SER A 167 11.66 -2.38 -6.69
CA SER A 167 13.10 -2.12 -6.82
CA SER A 167 13.10 -2.18 -6.83
C SER A 167 13.46 -2.26 -8.29
C SER A 167 13.46 -2.26 -8.31
N VAL A 168 14.55 -1.60 -8.68
CA VAL A 168 15.02 -1.62 -10.06
C VAL A 168 16.52 -1.85 -10.00
N ILE A 169 16.99 -2.93 -10.63
CA ILE A 169 18.43 -3.22 -10.63
C ILE A 169 18.92 -3.51 -12.03
N ALA A 170 20.22 -3.33 -12.26
CA ALA A 170 20.79 -3.63 -13.55
C ALA A 170 20.73 -5.14 -13.66
N ASP A 171 20.38 -5.67 -14.83
CA ASP A 171 20.27 -7.11 -15.01
C ASP A 171 21.67 -7.72 -15.09
N PRO A 172 22.03 -8.55 -14.10
CA PRO A 172 23.37 -9.17 -14.13
C PRO A 172 23.58 -10.18 -15.26
N ARG A 173 22.50 -10.53 -15.95
CA ARG A 173 22.57 -11.47 -17.07
C ARG A 173 22.99 -10.74 -18.33
N GLY A 174 22.96 -9.42 -18.27
CA GLY A 174 23.34 -8.62 -19.41
C GLY A 174 22.19 -8.44 -20.39
N ASN A 175 22.54 -8.10 -21.62
N ASN A 175 22.54 -8.18 -21.64
CA ASN A 175 21.57 -7.87 -22.67
CA ASN A 175 21.56 -8.00 -22.70
C ASN A 175 21.11 -9.20 -23.28
C ASN A 175 21.14 -9.34 -23.27
N THR A 176 20.10 -9.83 -22.69
N THR A 176 20.05 -9.89 -22.75
CA THR A 176 19.61 -11.09 -23.22
CA THR A 176 19.56 -11.15 -23.24
C THR A 176 18.38 -10.89 -24.11
C THR A 176 18.28 -10.96 -24.05
N LEU A 177 17.65 -9.80 -23.88
CA LEU A 177 16.43 -9.52 -24.65
C LEU A 177 16.68 -8.91 -26.02
N GLY A 178 17.81 -8.22 -26.18
CA GLY A 178 18.08 -7.58 -27.46
C GLY A 178 17.40 -6.22 -27.45
N ARG A 179 16.07 -6.25 -27.31
CA ARG A 179 15.22 -5.07 -27.23
C ARG A 179 13.86 -5.63 -26.84
N GLY A 180 13.19 -4.97 -25.90
CA GLY A 180 11.87 -5.47 -25.54
C GLY A 180 11.66 -5.60 -24.04
N THR A 181 10.57 -6.28 -23.69
CA THR A 181 10.19 -6.44 -22.31
C THR A 181 9.56 -7.79 -21.98
N THR A 182 9.93 -8.35 -20.82
CA THR A 182 9.33 -9.60 -20.36
C THR A 182 8.60 -9.30 -19.06
N ILE A 183 7.32 -9.65 -18.99
CA ILE A 183 6.56 -9.48 -17.75
C ILE A 183 6.54 -10.89 -17.18
N THR A 184 7.08 -11.08 -15.98
CA THR A 184 7.10 -12.39 -15.34
C THR A 184 6.22 -12.36 -14.11
N LEU A 185 5.28 -13.30 -14.03
CA LEU A 185 4.38 -13.37 -12.88
C LEU A 185 4.64 -14.60 -12.03
N VAL A 186 4.83 -14.39 -10.73
CA VAL A 186 5.01 -15.49 -9.80
C VAL A 186 3.57 -15.69 -9.36
N LEU A 187 2.92 -16.71 -9.90
CA LEU A 187 1.51 -16.96 -9.61
C LEU A 187 1.13 -17.41 -8.20
N LYS A 188 -0.02 -16.92 -7.75
CA LYS A 188 -0.55 -17.26 -6.43
C LYS A 188 -0.89 -18.75 -6.50
N GLU A 189 -0.85 -19.43 -5.36
CA GLU A 189 -1.15 -20.86 -5.32
C GLU A 189 -2.50 -21.19 -5.97
N GLU A 190 -3.50 -20.36 -5.73
CA GLU A 190 -4.83 -20.60 -6.29
C GLU A 190 -4.99 -20.21 -7.76
N ALA A 191 -3.94 -19.63 -8.34
CA ALA A 191 -4.00 -19.22 -9.74
C ALA A 191 -3.17 -20.13 -10.63
N SER A 192 -2.92 -21.35 -10.15
CA SER A 192 -2.12 -22.32 -10.87
C SER A 192 -2.67 -22.70 -12.25
N ASP A 193 -3.96 -22.49 -12.46
CA ASP A 193 -4.57 -22.83 -13.74
C ASP A 193 -3.97 -22.03 -14.90
N TYR A 194 -3.33 -20.90 -14.59
CA TYR A 194 -2.74 -20.09 -15.64
C TYR A 194 -1.37 -20.59 -16.08
N LEU A 195 -1.04 -21.82 -15.68
CA LEU A 195 0.22 -22.45 -16.04
C LEU A 195 -0.13 -23.60 -16.97
N GLU A 196 -1.43 -23.82 -17.13
CA GLU A 196 -1.96 -24.88 -17.99
C GLU A 196 -1.98 -24.36 -19.43
N LEU A 197 -1.30 -25.07 -20.33
CA LEU A 197 -1.27 -24.64 -21.73
C LEU A 197 -2.64 -24.44 -22.36
N ASP A 198 -3.56 -25.36 -22.12
CA ASP A 198 -4.89 -25.23 -22.71
C ASP A 198 -5.58 -23.96 -22.23
N THR A 199 -5.41 -23.63 -20.96
CA THR A 199 -6.00 -22.42 -20.41
C THR A 199 -5.36 -21.20 -21.06
N ILE A 200 -4.04 -21.18 -21.14
CA ILE A 200 -3.34 -20.06 -21.74
C ILE A 200 -3.60 -19.91 -23.25
N LYS A 201 -3.65 -21.03 -23.98
CA LYS A 201 -3.92 -20.91 -25.42
C LYS A 201 -5.30 -20.33 -25.65
N ASN A 202 -6.29 -20.80 -24.88
CA ASN A 202 -7.64 -20.28 -25.03
C ASN A 202 -7.72 -18.78 -24.76
N LEU A 203 -7.07 -18.33 -23.70
CA LEU A 203 -7.08 -16.91 -23.37
C LEU A 203 -6.24 -16.09 -24.35
N VAL A 204 -5.04 -16.58 -24.67
CA VAL A 204 -4.17 -15.86 -25.60
C VAL A 204 -4.81 -15.78 -26.97
N LYS A 205 -5.48 -16.86 -27.39
CA LYS A 205 -6.14 -16.85 -28.68
C LYS A 205 -7.24 -15.79 -28.65
N LYS A 206 -8.02 -15.79 -27.58
CA LYS A 206 -9.11 -14.83 -27.44
C LYS A 206 -8.63 -13.37 -27.41
N TYR A 207 -7.61 -13.10 -26.60
CA TYR A 207 -7.08 -11.75 -26.45
C TYR A 207 -6.12 -11.23 -27.53
N SER A 208 -5.66 -12.12 -28.41
N SER A 208 -5.65 -12.11 -28.41
CA SER A 208 -4.74 -11.72 -29.47
CA SER A 208 -4.73 -11.70 -29.47
C SER A 208 -5.44 -11.59 -30.82
C SER A 208 -5.45 -11.57 -30.81
N GLN A 209 -6.71 -11.99 -30.86
CA GLN A 209 -7.49 -11.93 -32.09
C GLN A 209 -7.39 -10.63 -32.89
N PHE A 210 -7.42 -9.47 -32.23
CA PHE A 210 -7.34 -8.23 -32.99
C PHE A 210 -6.06 -7.45 -32.78
N ILE A 211 -5.00 -8.17 -32.40
CA ILE A 211 -3.69 -7.57 -32.20
C ILE A 211 -2.99 -7.75 -33.55
N ASN A 212 -2.40 -6.68 -34.08
CA ASN A 212 -1.75 -6.73 -35.39
C ASN A 212 -0.39 -7.41 -35.46
N PHE A 213 0.15 -7.80 -34.31
CA PHE A 213 1.44 -8.46 -34.26
C PHE A 213 1.23 -9.93 -33.97
N PRO A 214 2.11 -10.80 -34.49
CA PRO A 214 1.94 -12.23 -34.24
C PRO A 214 2.24 -12.59 -32.79
N ILE A 215 1.34 -13.36 -32.18
CA ILE A 215 1.49 -13.77 -30.80
C ILE A 215 1.62 -15.30 -30.75
N TYR A 216 2.64 -15.77 -30.03
CA TYR A 216 2.94 -17.19 -29.91
C TYR A 216 2.93 -17.70 -28.48
N VAL A 217 2.65 -18.98 -28.31
CA VAL A 217 2.66 -19.63 -27.00
C VAL A 217 3.59 -20.80 -27.17
N TRP A 218 4.52 -20.97 -26.22
CA TRP A 218 5.47 -22.08 -26.28
C TRP A 218 4.68 -23.32 -25.86
N SER A 219 4.48 -24.25 -26.81
CA SER A 219 3.71 -25.45 -26.51
C SER A 219 4.27 -26.74 -27.10
N SER A 220 3.78 -27.86 -26.58
CA SER A 220 4.21 -29.19 -27.02
C SER A 220 3.23 -29.88 -27.99
N LYS A 221 3.77 -30.80 -28.78
CA LYS A 221 2.97 -31.55 -29.75
C LYS A 221 3.46 -33.00 -29.82
N THR A 228 7.24 -36.06 -27.61
CA THR A 228 6.88 -34.74 -27.12
C THR A 228 7.91 -33.69 -27.51
N VAL A 229 7.56 -32.83 -28.47
CA VAL A 229 8.48 -31.79 -28.91
C VAL A 229 7.85 -30.42 -28.66
N TRP A 230 8.68 -29.44 -28.30
CA TRP A 230 8.21 -28.09 -28.01
C TRP A 230 8.61 -27.07 -29.08
N ASP A 231 7.77 -26.06 -29.26
CA ASP A 231 8.02 -25.02 -30.25
C ASP A 231 6.93 -23.95 -30.17
N TRP A 232 7.18 -22.79 -30.76
CA TRP A 232 6.22 -21.70 -30.76
C TRP A 232 4.99 -21.99 -31.62
N GLU A 233 3.80 -21.77 -31.04
CA GLU A 233 2.56 -21.99 -31.78
C GLU A 233 1.88 -20.65 -31.99
N LEU A 234 1.63 -20.31 -33.25
CA LEU A 234 0.97 -19.05 -33.61
C LEU A 234 -0.48 -19.05 -33.17
N MET A 235 -0.87 -18.02 -32.42
CA MET A 235 -2.22 -17.89 -31.89
C MET A 235 -3.16 -16.90 -32.59
N ASN A 236 -2.67 -16.14 -33.56
CA ASN A 236 -3.53 -15.17 -34.24
C ASN A 236 -3.11 -14.91 -35.68
N GLY B 1 6.71 31.21 5.01
CA GLY B 1 6.65 30.95 3.54
C GLY B 1 5.82 29.73 3.20
N SER B 2 5.58 29.51 1.92
CA SER B 2 4.78 28.38 1.46
C SER B 2 5.60 27.22 0.88
N HIS B 3 6.88 27.16 1.20
CA HIS B 3 7.73 26.09 0.66
C HIS B 3 7.33 24.65 0.99
N MET B 4 6.89 24.42 2.23
N MET B 4 6.89 24.40 2.22
CA MET B 4 6.49 23.07 2.65
CA MET B 4 6.49 23.06 2.62
C MET B 4 5.32 22.54 1.81
C MET B 4 5.31 22.55 1.79
N LEU B 5 4.31 23.39 1.58
CA LEU B 5 3.15 22.99 0.80
C LEU B 5 3.49 22.86 -0.68
N ARG B 6 4.34 23.75 -1.16
CA ARG B 6 4.74 23.73 -2.57
C ARG B 6 5.65 22.57 -2.92
N GLU B 7 6.50 22.17 -1.99
CA GLU B 7 7.44 21.07 -2.21
C GLU B 7 6.89 19.74 -1.70
N LYS B 8 5.71 19.80 -1.09
CA LYS B 8 5.05 18.62 -0.53
C LYS B 8 5.92 17.94 0.52
N SER B 9 6.66 18.75 1.26
CA SER B 9 7.57 18.29 2.31
C SER B 9 6.88 17.56 3.46
N GLU B 10 5.57 17.76 3.59
CA GLU B 10 4.78 17.16 4.66
C GLU B 10 4.25 15.76 4.34
N LYS B 11 4.47 15.31 3.11
N LYS B 11 4.51 15.31 3.12
CA LYS B 11 3.99 13.99 2.67
CA LYS B 11 4.06 14.00 2.67
C LYS B 11 5.05 12.89 2.69
C LYS B 11 5.12 12.93 2.82
N PHE B 12 4.69 11.74 3.24
CA PHE B 12 5.60 10.60 3.38
C PHE B 12 4.99 9.29 2.88
N ALA B 13 5.84 8.32 2.57
CA ALA B 13 5.37 7.01 2.11
C ALA B 13 5.69 6.07 3.26
N PHE B 14 4.90 5.01 3.41
CA PHE B 14 5.12 4.02 4.47
C PHE B 14 6.26 3.09 4.06
N GLN B 15 6.94 2.55 5.06
CA GLN B 15 8.03 1.61 4.84
C GLN B 15 7.32 0.35 4.30
N ALA B 16 8.00 -0.41 3.44
CA ALA B 16 7.39 -1.61 2.87
C ALA B 16 6.84 -2.58 3.91
N GLU B 17 7.60 -2.79 4.98
CA GLU B 17 7.20 -3.70 6.04
C GLU B 17 5.89 -3.27 6.71
N VAL B 18 5.64 -1.96 6.75
CA VAL B 18 4.41 -1.46 7.35
C VAL B 18 3.24 -1.75 6.41
N ASN B 19 3.46 -1.60 5.11
CA ASN B 19 2.40 -1.88 4.15
C ASN B 19 2.00 -3.33 4.29
N ARG B 20 2.99 -4.22 4.39
CA ARG B 20 2.71 -5.64 4.52
C ARG B 20 2.00 -5.94 5.84
N MET B 21 2.44 -5.28 6.91
N MET B 21 2.44 -5.30 6.92
CA MET B 21 1.86 -5.47 8.22
CA MET B 21 1.80 -5.54 8.22
C MET B 21 0.39 -5.04 8.25
C MET B 21 0.35 -5.08 8.21
N MET B 22 0.09 -3.91 7.65
CA MET B 22 -1.28 -3.40 7.61
C MET B 22 -2.19 -4.42 6.94
N LYS B 23 -1.72 -5.00 5.84
CA LYS B 23 -2.49 -5.98 5.10
C LYS B 23 -2.72 -7.27 5.90
N LEU B 24 -1.69 -7.74 6.59
CA LEU B 24 -1.82 -8.95 7.39
C LEU B 24 -2.87 -8.74 8.49
N ILE B 25 -2.90 -7.55 9.06
CA ILE B 25 -3.87 -7.25 10.12
C ILE B 25 -5.30 -7.24 9.57
N ILE B 26 -5.51 -6.55 8.46
N ILE B 26 -5.51 -6.54 8.48
CA ILE B 26 -6.84 -6.45 7.84
CA ILE B 26 -6.85 -6.48 7.88
C ILE B 26 -7.36 -7.79 7.32
C ILE B 26 -7.31 -7.89 7.50
N ASN B 27 -6.48 -8.60 6.74
CA ASN B 27 -6.86 -9.93 6.25
C ASN B 27 -7.09 -10.99 7.32
N SER B 28 -6.51 -10.81 8.52
CA SER B 28 -6.66 -11.80 9.57
C SER B 28 -7.67 -11.47 10.67
N LEU B 29 -7.89 -10.19 10.92
CA LEU B 29 -8.83 -9.79 11.97
C LEU B 29 -10.16 -9.23 11.49
N TYR B 30 -10.48 -9.46 10.23
CA TYR B 30 -11.72 -8.96 9.63
C TYR B 30 -12.99 -9.47 10.32
N LYS B 31 -12.89 -10.59 11.03
CA LYS B 31 -14.05 -11.15 11.71
C LYS B 31 -14.20 -10.67 13.15
N ASN B 32 -13.17 -10.04 13.67
N ASN B 32 -13.15 -10.03 13.65
CA ASN B 32 -13.21 -9.50 15.03
CA ASN B 32 -13.11 -9.54 15.01
C ASN B 32 -12.69 -8.07 15.04
C ASN B 32 -12.64 -8.07 15.00
N LYS B 33 -13.30 -7.24 14.21
CA LYS B 33 -12.91 -5.83 14.08
C LYS B 33 -12.95 -4.95 15.34
N GLU B 34 -13.86 -5.26 16.26
N GLU B 34 -13.81 -5.27 16.29
CA GLU B 34 -14.02 -4.49 17.49
CA GLU B 34 -13.89 -4.46 17.51
C GLU B 34 -12.74 -4.37 18.31
C GLU B 34 -12.59 -4.37 18.30
N ILE B 35 -11.78 -5.24 18.01
N ILE B 35 -11.64 -5.26 18.05
CA ILE B 35 -10.50 -5.26 18.72
CA ILE B 35 -10.38 -5.21 18.79
C ILE B 35 -9.71 -3.94 18.58
C ILE B 35 -9.59 -3.94 18.53
N PHE B 36 -9.97 -3.19 17.51
CA PHE B 36 -9.26 -1.94 17.25
C PHE B 36 -9.36 -1.03 18.49
N LEU B 37 -10.53 -1.04 19.14
CA LEU B 37 -10.72 -0.19 20.31
C LEU B 37 -9.89 -0.67 21.48
N ARG B 38 -9.74 -1.98 21.64
CA ARG B 38 -8.93 -2.51 22.73
C ARG B 38 -7.49 -2.04 22.54
N GLU B 39 -7.03 -2.08 21.29
CA GLU B 39 -5.66 -1.67 20.97
C GLU B 39 -5.40 -0.17 21.15
N LEU B 40 -6.37 0.67 20.79
CA LEU B 40 -6.16 2.11 20.96
C LEU B 40 -6.15 2.45 22.45
N ILE B 41 -6.98 1.77 23.22
CA ILE B 41 -7.04 2.00 24.67
C ILE B 41 -5.71 1.53 25.28
N SER B 42 -5.21 0.40 24.79
N SER B 42 -5.20 0.39 24.80
CA SER B 42 -3.95 -0.14 25.28
CA SER B 42 -3.93 -0.15 25.30
C SER B 42 -2.84 0.88 25.03
C SER B 42 -2.77 0.80 24.99
N ASN B 43 -2.78 1.40 23.81
CA ASN B 43 -1.73 2.35 23.46
C ASN B 43 -1.84 3.61 24.31
N ALA B 44 -3.07 4.04 24.62
CA ALA B 44 -3.26 5.22 25.45
C ALA B 44 -2.72 4.94 26.84
N SER B 45 -2.99 3.73 27.34
CA SER B 45 -2.52 3.33 28.66
C SER B 45 -1.00 3.38 28.72
N ASP B 46 -0.35 2.88 27.68
CA ASP B 46 1.11 2.87 27.59
C ASP B 46 1.63 4.31 27.60
N ALA B 47 0.92 5.21 26.94
CA ALA B 47 1.33 6.62 26.89
C ALA B 47 1.19 7.29 28.25
N LEU B 48 0.17 6.90 28.99
CA LEU B 48 -0.06 7.45 30.32
C LEU B 48 1.02 6.90 31.27
N ASP B 49 1.39 5.63 31.08
CA ASP B 49 2.45 5.04 31.92
C ASP B 49 3.74 5.81 31.68
N LYS B 50 4.02 6.14 30.42
N LYS B 50 4.02 6.14 30.42
CA LYS B 50 5.24 6.86 30.09
CA LYS B 50 5.23 6.87 30.08
C LYS B 50 5.33 8.23 30.74
C LYS B 50 5.34 8.23 30.73
N ILE B 51 4.26 9.02 30.69
CA ILE B 51 4.33 10.34 31.32
C ILE B 51 4.41 10.20 32.84
N ARG B 52 3.78 9.16 33.38
CA ARG B 52 3.83 8.93 34.83
C ARG B 52 5.29 8.67 35.23
N LEU B 53 5.98 7.88 34.41
CA LEU B 53 7.38 7.55 34.66
C LEU B 53 8.26 8.79 34.56
N ILE B 54 7.97 9.64 33.58
CA ILE B 54 8.74 10.87 33.39
C ILE B 54 8.51 11.81 34.58
N SER B 55 7.28 11.82 35.10
CA SER B 55 6.97 12.70 36.23
C SER B 55 7.75 12.32 37.48
N LEU B 56 8.29 11.11 37.52
CA LEU B 56 9.07 10.67 38.69
C LEU B 56 10.33 11.52 38.81
N THR B 57 10.93 11.83 37.67
CA THR B 57 12.15 12.62 37.63
C THR B 57 11.95 14.10 37.31
N ASP B 58 10.88 14.45 36.61
CA ASP B 58 10.61 15.85 36.26
C ASP B 58 9.34 16.37 36.91
N GLU B 59 9.50 17.28 37.86
CA GLU B 59 8.35 17.84 38.58
C GLU B 59 7.45 18.70 37.69
N ASN B 60 7.91 19.04 36.49
CA ASN B 60 7.13 19.85 35.58
C ASN B 60 6.56 19.06 34.41
N ALA B 61 6.61 17.73 34.52
CA ALA B 61 6.13 16.85 33.46
C ALA B 61 4.64 16.99 33.15
N LEU B 62 3.82 17.15 34.19
CA LEU B 62 2.38 17.25 33.98
C LEU B 62 1.80 18.67 33.86
N ALA B 63 2.65 19.68 33.76
CA ALA B 63 2.22 21.08 33.65
C ALA B 63 1.26 21.44 32.51
N GLY B 64 1.33 20.75 31.38
CA GLY B 64 0.45 21.07 30.26
C GLY B 64 -0.97 20.55 30.38
N ASN B 65 -1.18 19.58 31.27
CA ASN B 65 -2.48 18.97 31.51
C ASN B 65 -2.30 18.10 32.75
N GLU B 66 -2.88 18.52 33.88
CA GLU B 66 -2.73 17.80 35.14
C GLU B 66 -3.33 16.39 35.28
N GLU B 67 -4.36 16.07 34.51
CA GLU B 67 -5.00 14.76 34.61
C GLU B 67 -4.33 13.64 33.81
N LEU B 68 -4.67 12.40 34.16
CA LEU B 68 -4.15 11.22 33.48
C LEU B 68 -5.41 10.40 33.20
N THR B 69 -6.01 10.64 32.03
CA THR B 69 -7.26 9.99 31.65
C THR B 69 -7.33 9.61 30.17
N VAL B 70 -8.35 8.82 29.84
CA VAL B 70 -8.63 8.45 28.46
C VAL B 70 -10.09 8.84 28.31
N LYS B 71 -10.40 9.58 27.25
CA LYS B 71 -11.76 10.05 27.00
C LYS B 71 -12.17 9.75 25.57
N ILE B 72 -13.28 9.03 25.43
CA ILE B 72 -13.79 8.61 24.14
C ILE B 72 -15.10 9.33 23.77
N LYS B 73 -15.17 9.81 22.53
CA LYS B 73 -16.33 10.55 22.07
C LYS B 73 -16.79 10.14 20.66
N CYS B 74 -18.09 9.97 20.51
CA CYS B 74 -18.69 9.59 19.22
C CYS B 74 -19.31 10.84 18.61
N ASP B 75 -19.07 11.06 17.33
CA ASP B 75 -19.68 12.20 16.65
C ASP B 75 -20.40 11.59 15.45
N LYS B 76 -21.62 11.13 15.65
CA LYS B 76 -22.36 10.50 14.56
C LYS B 76 -22.53 11.41 13.34
N GLU B 77 -22.90 12.67 13.55
CA GLU B 77 -23.10 13.59 12.44
C GLU B 77 -21.88 13.72 11.53
N LYS B 78 -20.67 13.70 12.12
CA LYS B 78 -19.44 13.82 11.35
C LYS B 78 -18.80 12.46 11.03
N ASN B 79 -19.45 11.38 11.44
CA ASN B 79 -18.97 10.02 11.19
C ASN B 79 -17.58 9.82 11.80
N LEU B 80 -17.39 10.32 13.02
CA LEU B 80 -16.10 10.21 13.69
C LEU B 80 -16.12 9.59 15.09
N LEU B 81 -15.04 8.90 15.44
CA LEU B 81 -14.88 8.34 16.78
C LEU B 81 -13.53 8.89 17.25
N HIS B 82 -13.51 9.46 18.46
CA HIS B 82 -12.28 10.04 19.01
C HIS B 82 -11.84 9.30 20.27
N VAL B 83 -10.54 9.04 20.39
CA VAL B 83 -9.98 8.39 21.58
C VAL B 83 -8.83 9.32 22.00
N THR B 84 -9.04 10.05 23.10
N THR B 84 -9.05 10.06 23.08
CA THR B 84 -8.06 11.00 23.58
CA THR B 84 -8.08 11.03 23.59
C THR B 84 -7.45 10.65 24.93
C THR B 84 -7.45 10.66 24.94
N ASP B 85 -6.12 10.72 25.01
CA ASP B 85 -5.43 10.43 26.26
C ASP B 85 -4.58 11.64 26.62
N THR B 86 -4.24 11.75 27.91
CA THR B 86 -3.40 12.84 28.36
C THR B 86 -2.03 12.26 28.72
N GLY B 87 -1.59 11.33 27.87
CA GLY B 87 -0.31 10.68 28.06
C GLY B 87 0.85 11.55 27.61
N VAL B 88 1.99 10.92 27.35
CA VAL B 88 3.21 11.61 26.94
C VAL B 88 3.16 12.38 25.60
N GLY B 89 2.28 11.96 24.70
CA GLY B 89 2.22 12.64 23.41
C GLY B 89 3.38 12.27 22.51
N MET B 90 3.39 12.80 21.29
CA MET B 90 4.45 12.52 20.32
C MET B 90 4.90 13.81 19.66
N THR B 91 6.21 13.95 19.50
CA THR B 91 6.77 15.12 18.84
C THR B 91 6.55 14.91 17.35
N ARG B 92 6.80 15.94 16.55
CA ARG B 92 6.62 15.80 15.11
C ARG B 92 7.46 14.63 14.59
N GLU B 93 8.71 14.56 15.06
CA GLU B 93 9.62 13.51 14.63
C GLU B 93 9.11 12.13 15.01
N GLU B 94 8.48 12.02 16.17
CA GLU B 94 7.96 10.73 16.61
C GLU B 94 6.75 10.32 15.79
N LEU B 95 5.94 11.28 15.36
CA LEU B 95 4.77 10.94 14.54
C LEU B 95 5.23 10.31 13.23
N VAL B 96 6.28 10.87 12.63
CA VAL B 96 6.84 10.38 11.38
C VAL B 96 7.50 9.01 11.55
N LYS B 97 8.38 8.90 12.54
CA LYS B 97 9.12 7.67 12.82
C LYS B 97 8.32 6.54 13.47
N ASN B 98 7.69 6.82 14.61
CA ASN B 98 6.92 5.82 15.34
C ASN B 98 5.72 5.18 14.62
N LEU B 99 5.02 5.95 13.80
CA LEU B 99 3.85 5.42 13.10
C LEU B 99 4.06 4.98 11.64
N GLY B 100 5.12 5.47 10.99
CA GLY B 100 5.35 5.11 9.60
C GLY B 100 6.46 4.11 9.31
N THR B 101 7.14 3.66 10.36
CA THR B 101 8.22 2.68 10.24
C THR B 101 8.12 1.73 11.43
N ILE B 102 8.62 0.51 11.28
CA ILE B 102 8.58 -0.46 12.38
C ILE B 102 9.94 -0.42 13.07
N THR B 124 -5.07 -13.89 15.40
CA THR B 124 -3.81 -13.15 15.54
C THR B 124 -3.95 -11.96 16.48
N SER B 125 -5.08 -11.86 17.16
CA SER B 125 -5.31 -10.74 18.07
C SER B 125 -4.34 -10.65 19.25
N GLU B 126 -3.93 -11.77 19.82
CA GLU B 126 -3.00 -11.75 20.94
C GLU B 126 -1.62 -11.30 20.48
N LEU B 127 -1.23 -11.74 19.28
CA LEU B 127 0.07 -11.42 18.71
C LEU B 127 0.21 -9.93 18.39
N ILE B 128 -0.83 -9.35 17.81
CA ILE B 128 -0.83 -7.94 17.45
C ILE B 128 -0.46 -7.05 18.63
N GLY B 129 -1.07 -7.30 19.79
CA GLY B 129 -0.77 -6.50 20.95
C GLY B 129 0.66 -6.72 21.44
N GLN B 130 1.07 -7.99 21.46
CA GLN B 130 2.41 -8.34 21.91
C GLN B 130 3.51 -7.69 21.07
N PHE B 131 3.30 -7.60 19.77
CA PHE B 131 4.30 -7.01 18.87
C PHE B 131 4.24 -5.49 18.85
N GLY B 132 3.24 -4.91 19.49
N GLY B 132 3.20 -4.95 19.50
CA GLY B 132 3.18 -3.47 19.49
CA GLY B 132 2.97 -3.51 19.60
C GLY B 132 2.81 -2.86 18.15
C GLY B 132 2.46 -2.77 18.37
N VAL B 133 1.92 -3.51 17.42
CA VAL B 133 1.45 -2.95 16.16
C VAL B 133 -0.08 -2.81 16.07
N GLY B 134 -0.73 -2.81 17.23
CA GLY B 134 -2.18 -2.69 17.28
C GLY B 134 -2.80 -1.44 16.67
N PHE B 135 -2.04 -0.35 16.61
CA PHE B 135 -2.54 0.89 16.04
C PHE B 135 -3.11 0.66 14.64
N TYR B 136 -2.41 -0.14 13.83
CA TYR B 136 -2.86 -0.39 12.47
C TYR B 136 -4.22 -1.09 12.36
N SER B 137 -4.73 -1.67 13.45
CA SER B 137 -6.04 -2.33 13.39
C SER B 137 -7.14 -1.29 13.23
N ALA B 138 -6.79 -0.02 13.40
CA ALA B 138 -7.77 1.05 13.26
C ALA B 138 -8.30 1.02 11.83
N PHE B 139 -7.46 0.59 10.89
CA PHE B 139 -7.86 0.55 9.49
C PHE B 139 -8.89 -0.55 9.21
N LEU B 140 -9.18 -1.37 10.23
CA LEU B 140 -10.19 -2.42 10.08
C LEU B 140 -11.54 -1.73 9.98
N VAL B 141 -11.68 -0.61 10.68
CA VAL B 141 -12.93 0.13 10.73
C VAL B 141 -12.90 1.57 10.19
N ALA B 142 -11.74 2.06 9.77
CA ALA B 142 -11.63 3.43 9.29
C ALA B 142 -11.02 3.64 7.92
N ASP B 143 -11.59 4.59 7.16
CA ASP B 143 -11.07 4.94 5.84
C ASP B 143 -9.92 5.92 6.02
N LYS B 144 -9.94 6.66 7.13
CA LYS B 144 -8.88 7.60 7.45
C LYS B 144 -8.61 7.62 8.94
N VAL B 145 -7.34 7.68 9.30
CA VAL B 145 -6.93 7.74 10.70
C VAL B 145 -6.16 9.04 10.90
N ILE B 146 -6.57 9.85 11.87
N ILE B 146 -6.59 9.82 11.88
CA ILE B 146 -5.88 11.11 12.13
CA ILE B 146 -5.98 11.10 12.19
C ILE B 146 -5.40 11.12 13.57
C ILE B 146 -5.37 11.02 13.60
N VAL B 147 -4.14 11.49 13.75
CA VAL B 147 -3.52 11.50 15.06
C VAL B 147 -3.06 12.92 15.38
N THR B 148 -3.72 13.55 16.35
CA THR B 148 -3.37 14.91 16.78
C THR B 148 -2.59 14.70 18.08
N SER B 149 -1.40 15.26 18.17
CA SER B 149 -0.62 15.01 19.38
C SER B 149 0.22 16.20 19.84
N LYS B 150 0.38 16.31 21.16
CA LYS B 150 1.15 17.39 21.79
C LYS B 150 2.05 16.78 22.86
N HIS B 151 3.35 16.92 22.66
CA HIS B 151 4.38 16.42 23.57
C HIS B 151 4.99 17.65 24.25
N ASN B 152 5.45 17.52 25.49
CA ASN B 152 6.03 18.67 26.20
C ASN B 152 7.17 19.32 25.44
N ASN B 153 7.90 18.55 24.65
CA ASN B 153 9.05 19.08 23.90
C ASN B 153 8.79 19.54 22.47
N ASP B 154 7.53 19.72 22.11
CA ASP B 154 7.23 20.16 20.74
C ASP B 154 5.87 20.84 20.69
N THR B 155 5.51 21.37 19.53
CA THR B 155 4.22 22.02 19.36
C THR B 155 3.23 20.96 18.89
N GLN B 156 1.95 21.28 18.89
CA GLN B 156 0.92 20.32 18.47
C GLN B 156 0.98 20.06 16.96
N HIS B 157 0.92 18.78 16.59
CA HIS B 157 0.96 18.39 15.18
C HIS B 157 -0.14 17.40 14.85
N ILE B 158 -0.39 17.23 13.56
CA ILE B 158 -1.42 16.32 13.06
C ILE B 158 -0.84 15.35 12.03
N TRP B 159 -1.08 14.06 12.25
CA TRP B 159 -0.64 12.99 11.34
C TRP B 159 -1.95 12.47 10.73
N GLU B 160 -1.98 12.22 9.43
N GLU B 160 -1.96 12.21 9.43
CA GLU B 160 -3.19 11.71 8.80
CA GLU B 160 -3.16 11.70 8.79
C GLU B 160 -2.86 10.73 7.68
C GLU B 160 -2.78 10.64 7.76
N SER B 161 -3.65 9.67 7.57
CA SER B 161 -3.41 8.63 6.57
C SER B 161 -4.65 7.85 6.15
N ASP B 162 -4.71 7.49 4.87
CA ASP B 162 -5.81 6.68 4.35
C ASP B 162 -5.19 5.30 4.04
N SER B 163 -3.97 5.12 4.54
CA SER B 163 -3.16 3.90 4.39
C SER B 163 -2.29 3.84 3.14
N ASN B 164 -2.49 4.77 2.21
CA ASN B 164 -1.73 4.79 0.97
C ASN B 164 -0.55 5.75 0.97
N GLU B 165 -0.41 6.47 2.08
CA GLU B 165 0.65 7.46 2.30
C GLU B 165 0.21 8.12 3.62
N PHE B 166 1.03 9.02 4.15
CA PHE B 166 0.66 9.74 5.36
C PHE B 166 1.33 11.10 5.32
N SER B 167 0.77 12.05 6.04
N SER B 167 0.75 12.05 6.03
CA SER B 167 1.32 13.39 6.08
CA SER B 167 1.28 13.42 6.09
C SER B 167 1.35 13.85 7.52
C SER B 167 1.29 13.91 7.52
N VAL B 168 2.22 14.80 7.83
CA VAL B 168 2.34 15.37 9.16
C VAL B 168 2.46 16.87 8.99
N ILE B 169 1.57 17.61 9.63
CA ILE B 169 1.58 19.08 9.55
C ILE B 169 1.46 19.71 10.93
N ALA B 170 1.90 20.96 11.03
CA ALA B 170 1.78 21.68 12.30
C ALA B 170 0.28 21.95 12.45
N ASP B 171 -0.25 21.78 13.65
CA ASP B 171 -1.67 22.00 13.88
C ASP B 171 -1.99 23.49 13.89
N PRO B 172 -2.75 23.97 12.89
CA PRO B 172 -3.07 25.41 12.87
C PRO B 172 -3.98 25.87 14.01
N ARG B 173 -4.48 24.93 14.80
CA ARG B 173 -5.34 25.26 15.92
C ARG B 173 -4.49 25.59 17.15
N GLY B 174 -3.20 25.31 17.05
CA GLY B 174 -2.30 25.58 18.16
C GLY B 174 -2.37 24.49 19.21
N ASN B 175 -1.98 24.84 20.43
CA ASN B 175 -1.97 23.89 21.55
C ASN B 175 -3.35 23.79 22.18
N THR B 176 -4.16 22.84 21.73
CA THR B 176 -5.49 22.65 22.30
C THR B 176 -5.53 21.44 23.23
N LEU B 177 -4.60 20.51 23.05
CA LEU B 177 -4.55 19.31 23.86
C LEU B 177 -3.86 19.48 25.22
N GLY B 178 -2.92 20.41 25.30
CA GLY B 178 -2.21 20.61 26.56
C GLY B 178 -1.05 19.65 26.57
N ARG B 179 -1.38 18.36 26.54
CA ARG B 179 -0.42 17.26 26.49
C ARG B 179 -1.23 16.02 26.20
N GLY B 180 -0.78 15.21 25.27
CA GLY B 180 -1.53 14.01 24.98
C GLY B 180 -1.76 13.75 23.50
N THR B 181 -2.66 12.81 23.22
CA THR B 181 -2.95 12.40 21.86
C THR B 181 -4.42 12.07 21.63
N THR B 182 -4.93 12.47 20.45
CA THR B 182 -6.29 12.12 20.05
C THR B 182 -6.19 11.31 18.77
N ILE B 183 -6.77 10.12 18.78
CA ILE B 183 -6.83 9.30 17.57
C ILE B 183 -8.26 9.55 17.06
N THR B 184 -8.38 10.06 15.84
CA THR B 184 -9.70 10.32 15.27
C THR B 184 -9.87 9.37 14.09
N LEU B 185 -10.98 8.65 14.09
CA LEU B 185 -11.26 7.70 13.01
C LEU B 185 -12.45 8.14 12.15
N VAL B 186 -12.24 8.23 10.84
CA VAL B 186 -13.32 8.56 9.92
C VAL B 186 -13.78 7.14 9.58
N LEU B 187 -14.91 6.74 10.15
CA LEU B 187 -15.41 5.37 9.98
C LEU B 187 -15.90 4.92 8.62
N LYS B 188 -15.62 3.67 8.30
CA LYS B 188 -16.04 3.05 7.04
C LYS B 188 -17.54 2.91 7.07
N GLU B 189 -18.14 2.78 5.89
CA GLU B 189 -19.58 2.64 5.81
C GLU B 189 -20.05 1.43 6.62
N GLU B 190 -19.29 0.34 6.50
N GLU B 190 -19.33 0.33 6.52
CA GLU B 190 -19.60 -0.90 7.20
CA GLU B 190 -19.72 -0.88 7.24
C GLU B 190 -19.22 -0.91 8.68
C GLU B 190 -19.50 -0.80 8.76
N ALA B 191 -18.82 0.24 9.21
CA ALA B 191 -18.48 0.39 10.63
C ALA B 191 -19.30 1.42 11.39
N SER B 192 -20.46 1.78 10.86
CA SER B 192 -21.32 2.78 11.50
C SER B 192 -21.80 2.39 12.90
N ASP B 193 -21.71 1.10 13.23
CA ASP B 193 -22.14 0.63 14.53
C ASP B 193 -21.31 1.25 15.65
N TYR B 194 -20.07 1.62 15.34
CA TYR B 194 -19.20 2.20 16.34
C TYR B 194 -19.45 3.68 16.64
N LEU B 195 -20.59 4.17 16.18
CA LEU B 195 -21.00 5.56 16.41
C LEU B 195 -22.13 5.53 17.42
N GLU B 196 -22.56 4.32 17.77
CA GLU B 196 -23.66 4.14 18.72
C GLU B 196 -23.14 4.04 20.17
N LEU B 197 -23.73 4.85 21.05
CA LEU B 197 -23.34 4.88 22.46
C LEU B 197 -23.38 3.57 23.25
N ASP B 198 -24.49 2.84 23.18
CA ASP B 198 -24.61 1.59 23.91
C ASP B 198 -23.52 0.60 23.52
N THR B 199 -23.19 0.57 22.23
CA THR B 199 -22.17 -0.34 21.73
C THR B 199 -20.78 0.10 22.19
N ILE B 200 -20.49 1.40 22.07
CA ILE B 200 -19.19 1.91 22.50
C ILE B 200 -19.00 1.75 24.00
N LYS B 201 -20.03 2.05 24.78
CA LYS B 201 -19.92 1.91 26.24
C LYS B 201 -19.64 0.46 26.61
N ASN B 202 -20.35 -0.47 25.98
CA ASN B 202 -20.15 -1.89 26.26
C ASN B 202 -18.74 -2.32 25.91
N LEU B 203 -18.23 -1.86 24.78
CA LEU B 203 -16.88 -2.23 24.36
C LEU B 203 -15.81 -1.59 25.25
N VAL B 204 -15.98 -0.31 25.58
CA VAL B 204 -15.00 0.36 26.42
C VAL B 204 -14.96 -0.23 27.83
N LYS B 205 -16.12 -0.61 28.35
CA LYS B 205 -16.19 -1.20 29.69
C LYS B 205 -15.36 -2.48 29.69
N LYS B 206 -15.54 -3.29 28.64
CA LYS B 206 -14.83 -4.55 28.51
C LYS B 206 -13.32 -4.37 28.40
N TYR B 207 -12.88 -3.50 27.51
CA TYR B 207 -11.47 -3.26 27.28
C TYR B 207 -10.70 -2.35 28.26
N SER B 208 -11.43 -1.73 29.21
N SER B 208 -11.40 -1.74 29.21
CA SER B 208 -10.79 -0.85 30.19
CA SER B 208 -10.74 -0.87 30.18
C SER B 208 -10.73 -1.44 31.59
C SER B 208 -10.63 -1.49 31.57
N GLN B 209 -11.21 -2.67 31.75
CA GLN B 209 -11.19 -3.33 33.06
C GLN B 209 -9.85 -3.40 33.78
N PHE B 210 -8.78 -3.78 33.08
CA PHE B 210 -7.47 -3.88 33.70
C PHE B 210 -6.53 -2.73 33.35
N ILE B 211 -7.11 -1.60 32.97
CA ILE B 211 -6.35 -0.40 32.65
C ILE B 211 -6.36 0.42 33.94
N ASN B 212 -5.18 0.82 34.41
CA ASN B 212 -5.06 1.56 35.67
C ASN B 212 -5.28 3.07 35.65
N PHE B 213 -5.93 3.58 34.62
CA PHE B 213 -6.23 5.01 34.52
C PHE B 213 -7.72 5.09 34.24
N PRO B 214 -8.37 6.18 34.70
CA PRO B 214 -9.81 6.28 34.46
C PRO B 214 -10.11 6.52 32.98
N ILE B 215 -11.11 5.79 32.47
CA ILE B 215 -11.53 5.92 31.08
C ILE B 215 -13.01 6.32 31.04
N TYR B 216 -13.30 7.40 30.31
CA TYR B 216 -14.64 7.94 30.21
C TYR B 216 -15.18 7.94 28.78
N VAL B 217 -16.50 7.93 28.65
CA VAL B 217 -17.16 7.99 27.36
C VAL B 217 -18.13 9.15 27.49
N TRP B 218 -18.13 10.04 26.50
CA TRP B 218 -19.02 11.19 26.52
C TRP B 218 -20.42 10.62 26.33
N SER B 219 -21.26 10.74 27.36
CA SER B 219 -22.61 10.17 27.33
C SER B 219 -23.77 11.07 27.76
N SER B 220 -24.98 10.64 27.41
CA SER B 220 -26.21 11.36 27.74
C SER B 220 -26.94 10.73 28.91
N LYS B 221 -27.58 11.58 29.73
CA LYS B 221 -28.32 11.11 30.90
C LYS B 221 -29.59 11.93 31.06
N THR B 228 -32.00 16.08 29.59
CA THR B 228 -30.97 15.66 28.65
C THR B 228 -29.65 16.37 28.94
N VAL B 229 -28.80 15.73 29.73
CA VAL B 229 -27.50 16.31 30.08
C VAL B 229 -26.35 15.41 29.63
N TRP B 230 -25.39 15.99 28.94
CA TRP B 230 -24.23 15.24 28.46
C TRP B 230 -23.02 15.51 29.35
N ASP B 231 -22.25 14.46 29.62
CA ASP B 231 -21.07 14.59 30.46
C ASP B 231 -20.26 13.30 30.39
N TRP B 232 -19.06 13.32 30.93
CA TRP B 232 -18.18 12.16 30.92
C TRP B 232 -18.70 11.09 31.87
N GLU B 233 -18.80 9.85 31.40
CA GLU B 233 -19.27 8.75 32.24
C GLU B 233 -18.10 7.80 32.45
N LEU B 234 -17.79 7.51 33.71
CA LEU B 234 -16.69 6.62 34.06
C LEU B 234 -17.01 5.16 33.68
N MET B 235 -16.11 4.54 32.92
CA MET B 235 -16.30 3.16 32.45
C MET B 235 -15.53 2.08 33.21
N ASN B 236 -14.59 2.47 34.07
CA ASN B 236 -13.82 1.49 34.82
C ASN B 236 -13.50 1.98 36.23
#